data_6DD6
#
_entry.id   6DD6
#
_cell.length_a   99.700
_cell.length_b   106.800
_cell.length_c   57.300
_cell.angle_alpha   90.00
_cell.angle_beta   90.00
_cell.angle_gamma   90.00
#
_symmetry.space_group_name_H-M   'P 21 21 2'
#
loop_
_entity.id
_entity.type
_entity.pdbx_description
1 polymer 'Photolyase PhrB'
2 non-polymer 'FLAVIN-ADENINE DINUCLEOTIDE'
3 non-polymer 1-deoxy-1-(6,7-dimethyl-2,4-dioxo-3,4-dihydropteridin-8(2H)-yl)-D-ribitol
4 non-polymer 'IRON/SULFUR CLUSTER'
5 water water
#
_entity_poly.entity_id   1
_entity_poly.type   'polypeptide(L)'
_entity_poly.pdbx_seq_one_letter_code
;MSQLVLILGDQLSPSIAALDGVDKKQDTIVLCEVMAEASYVGHHKKKIAFIFSAMRHFAEELRGEGYRVRYTRIDDADNA
GSFTGEVKRAIDDLTPSRICVTEPGEWRVRSEMDGFAGAFGIQVDIRSDRRFLSSHGEFRNWAAGRKSLTMEYFYREMRR
KTGLLMNGEQPVGGRWNFDAENRQPARPDLLRPKHPVFAPDKITKEVIDTVERLFPDNFGKLENFGFAVTRTDAERALSA
FIDDFLCNFGATQDAMLQDDPNLNHSLLSFYINCGLLDALDVCKAAERAYHEGGAPLNAVEGFIRQIIGWREYMRGIYWL
AGPDYVDSNFFENDRSLPVFYWTGKTHMNCMAKVITETIENAYAHHIQRLMITGNFALLAGIDPKAVHRWYLEVYADAYE
WVELPNVIGMSQFADGGFLGTKPYAASGNYINRMSDYCDTCRYDPKERLGDNACPFNALYWDFLARNREKLKSNHRLAQP
YATWARMSEDVRHDLRAKAAAFLRKLDAAALEHHHHHH
;
_entity_poly.pdbx_strand_id   A
#
loop_
_chem_comp.id
_chem_comp.type
_chem_comp.name
_chem_comp.formula
DLZ non-polymer 1-deoxy-1-(6,7-dimethyl-2,4-dioxo-3,4-dihydropteridin-8(2H)-yl)-D-ribitol 'C13 H18 N4 O6'
FAD non-polymer 'FLAVIN-ADENINE DINUCLEOTIDE' 'C27 H33 N9 O15 P2'
SF4 non-polymer 'IRON/SULFUR CLUSTER' 'Fe4 S4'
#
# COMPACT_ATOMS: atom_id res chain seq x y z
N SER A 2 37.71 2.52 -6.96
CA SER A 2 36.63 2.02 -7.81
C SER A 2 35.55 1.52 -6.90
N GLN A 3 34.32 1.67 -7.36
CA GLN A 3 33.15 1.66 -6.50
C GLN A 3 32.19 0.53 -6.88
N LEU A 4 31.54 -0.03 -5.88
CA LEU A 4 30.49 -1.01 -6.08
C LEU A 4 29.18 -0.31 -5.71
N VAL A 5 28.31 -0.11 -6.68
CA VAL A 5 27.02 0.53 -6.43
C VAL A 5 25.95 -0.54 -6.42
N LEU A 6 25.26 -0.65 -5.30
CA LEU A 6 24.14 -1.55 -5.16
C LEU A 6 22.84 -0.79 -5.37
N ILE A 7 21.87 -1.44 -6.02
CA ILE A 7 20.57 -0.84 -6.27
C ILE A 7 19.48 -1.85 -5.92
N LEU A 8 18.57 -1.44 -5.04
CA LEU A 8 17.51 -2.31 -4.58
C LEU A 8 16.33 -2.26 -5.54
N GLY A 9 15.46 -3.27 -5.43
CA GLY A 9 14.40 -3.45 -6.40
C GLY A 9 13.33 -2.38 -6.37
N ASP A 10 13.24 -1.58 -5.31
CA ASP A 10 12.30 -0.47 -5.25
C ASP A 10 13.01 0.85 -5.43
N GLN A 11 14.20 0.81 -6.04
CA GLN A 11 15.02 1.97 -6.31
C GLN A 11 15.39 2.02 -7.78
N LEU A 12 14.46 1.71 -8.68
CA LEU A 12 14.80 1.57 -10.10
C LEU A 12 14.63 2.91 -10.82
N SER A 13 15.54 3.84 -10.49
CA SER A 13 15.51 5.20 -10.99
C SER A 13 16.93 5.63 -11.34
N PRO A 14 17.15 6.19 -12.54
CA PRO A 14 18.50 6.56 -12.94
C PRO A 14 19.07 7.78 -12.20
N SER A 15 18.30 8.44 -11.34
CA SER A 15 18.85 9.43 -10.43
C SER A 15 18.61 9.06 -8.96
N ILE A 16 18.58 7.74 -8.66
CA ILE A 16 18.69 7.29 -7.26
C ILE A 16 19.96 7.85 -6.61
N ALA A 17 19.94 7.93 -5.29
CA ALA A 17 21.01 8.59 -4.56
C ALA A 17 22.37 7.95 -4.85
N ALA A 18 22.40 6.63 -5.07
CA ALA A 18 23.65 5.91 -5.15
C ALA A 18 24.41 6.19 -6.44
N LEU A 19 23.73 6.64 -7.51
CA LEU A 19 24.36 6.89 -8.81
C LEU A 19 24.92 8.28 -8.92
N ASP A 20 24.82 9.07 -7.87
CA ASP A 20 25.35 10.44 -7.85
C ASP A 20 26.86 10.38 -7.90
N GLY A 21 27.43 10.62 -9.07
CA GLY A 21 28.88 10.72 -9.17
C GLY A 21 29.60 9.39 -9.24
N VAL A 22 29.04 8.43 -9.97
CA VAL A 22 29.79 7.23 -10.30
C VAL A 22 30.53 7.46 -11.60
N ASP A 23 31.53 6.62 -11.86
CA ASP A 23 32.39 6.68 -13.03
C ASP A 23 32.03 5.45 -13.87
N LYS A 24 31.36 5.68 -15.00
CA LYS A 24 30.85 4.56 -15.79
C LYS A 24 31.95 3.62 -16.27
N LYS A 25 33.19 4.09 -16.35
CA LYS A 25 34.27 3.15 -16.67
C LYS A 25 34.72 2.38 -15.43
N GLN A 26 34.87 3.06 -14.30
CA GLN A 26 35.47 2.41 -13.14
C GLN A 26 34.48 1.50 -12.42
N ASP A 27 33.26 1.97 -12.24
CA ASP A 27 32.37 1.45 -11.21
C ASP A 27 31.41 0.42 -11.77
N THR A 28 30.75 -0.30 -10.87
CA THR A 28 29.93 -1.45 -11.26
C THR A 28 28.63 -1.42 -10.49
N ILE A 29 27.53 -1.27 -11.23
CA ILE A 29 26.21 -1.34 -10.63
C ILE A 29 25.86 -2.80 -10.41
N VAL A 30 25.23 -3.10 -9.26
CA VAL A 30 24.85 -4.46 -8.90
C VAL A 30 23.35 -4.49 -8.63
N LEU A 31 22.67 -5.44 -9.27
CA LEU A 31 21.27 -5.77 -9.01
C LEU A 31 21.17 -7.28 -8.88
N CYS A 32 20.35 -7.75 -7.94
CA CYS A 32 20.26 -9.20 -7.72
C CYS A 32 18.87 -9.60 -7.25
N GLU A 33 18.29 -10.57 -7.92
CA GLU A 33 17.12 -11.27 -7.43
C GLU A 33 17.58 -12.36 -6.46
N VAL A 34 17.12 -12.29 -5.21
CA VAL A 34 17.60 -13.16 -4.14
C VAL A 34 16.43 -13.78 -3.41
N MET A 35 16.64 -15.00 -2.92
CA MET A 35 15.55 -15.73 -2.28
C MET A 35 15.12 -15.06 -0.97
N ALA A 36 16.05 -14.47 -0.22
CA ALA A 36 15.68 -13.81 1.02
C ALA A 36 14.60 -12.73 0.78
N GLU A 37 14.72 -11.91 -0.28
CA GLU A 37 13.70 -10.88 -0.49
C GLU A 37 12.43 -11.39 -1.17
N ALA A 38 12.48 -12.50 -1.89
CA ALA A 38 11.26 -13.03 -2.50
C ALA A 38 10.45 -13.90 -1.54
N SER A 39 10.95 -14.14 -0.33
CA SER A 39 10.38 -15.16 0.53
C SER A 39 10.22 -14.74 1.98
N TYR A 40 10.65 -13.53 2.39
CA TYR A 40 10.37 -13.13 3.76
C TYR A 40 8.88 -13.04 4.03
N VAL A 41 8.08 -12.87 2.99
CA VAL A 41 6.63 -13.08 3.07
C VAL A 41 6.20 -13.72 1.76
N GLY A 42 5.07 -14.42 1.80
CA GLY A 42 4.58 -15.07 0.61
C GLY A 42 3.96 -14.09 -0.39
N HIS A 43 4.81 -13.32 -1.06
CA HIS A 43 4.33 -12.32 -2.02
C HIS A 43 3.44 -12.93 -3.08
N HIS A 44 2.46 -12.12 -3.52
CA HIS A 44 1.67 -12.39 -4.71
C HIS A 44 2.55 -12.66 -5.91
N LYS A 45 2.23 -13.73 -6.65
CA LYS A 45 2.98 -14.07 -7.85
C LYS A 45 3.18 -12.86 -8.76
N LYS A 46 2.11 -12.10 -8.99
CA LYS A 46 2.24 -10.95 -9.88
C LYS A 46 3.21 -9.92 -9.31
N LYS A 47 3.30 -9.83 -7.98
CA LYS A 47 4.22 -8.91 -7.34
C LYS A 47 5.68 -9.29 -7.61
N ILE A 48 6.01 -10.56 -7.42
CA ILE A 48 7.35 -11.05 -7.73
C ILE A 48 7.64 -10.87 -9.21
N ALA A 49 6.74 -11.37 -10.08
CA ALA A 49 6.97 -11.25 -11.51
C ALA A 49 7.19 -9.82 -11.90
N PHE A 50 6.39 -8.92 -11.36
CA PHE A 50 6.49 -7.50 -11.69
C PHE A 50 7.84 -6.94 -11.30
N ILE A 51 8.24 -7.13 -10.03
CA ILE A 51 9.51 -6.61 -9.53
C ILE A 51 10.68 -7.20 -10.32
N PHE A 52 10.68 -8.52 -10.52
CA PHE A 52 11.77 -9.12 -11.27
C PHE A 52 11.86 -8.55 -12.68
N SER A 53 10.70 -8.37 -13.34
CA SER A 53 10.72 -7.91 -14.71
C SER A 53 11.12 -6.45 -14.81
N ALA A 54 10.77 -5.64 -13.80
CA ALA A 54 11.20 -4.24 -13.83
C ALA A 54 12.69 -4.14 -13.56
N MET A 55 13.25 -5.05 -12.74
CA MET A 55 14.68 -5.03 -12.51
C MET A 55 15.45 -5.45 -13.76
N ARG A 56 15.06 -6.56 -14.39
CA ARG A 56 15.77 -6.95 -15.60
C ARG A 56 15.65 -5.90 -16.69
N HIS A 57 14.53 -5.16 -16.73
CA HIS A 57 14.37 -4.12 -17.74
C HIS A 57 15.18 -2.88 -17.38
N PHE A 58 15.22 -2.57 -16.08
CA PHE A 58 16.05 -1.48 -15.60
C PHE A 58 17.54 -1.79 -15.82
N ALA A 59 17.91 -3.06 -15.76
CA ALA A 59 19.30 -3.43 -16.04
C ALA A 59 19.64 -3.14 -17.50
N GLU A 60 18.76 -3.54 -18.42
CA GLU A 60 18.95 -3.22 -19.83
C GLU A 60 18.99 -1.72 -20.06
N GLU A 61 18.19 -0.98 -19.29
CA GLU A 61 18.18 0.48 -19.39
C GLU A 61 19.57 1.06 -19.15
N LEU A 62 20.17 0.69 -18.02
CA LEU A 62 21.46 1.26 -17.65
C LEU A 62 22.53 0.84 -18.64
N ARG A 63 22.47 -0.41 -19.11
CA ARG A 63 23.50 -0.85 -20.04
C ARG A 63 23.52 0.03 -21.27
N GLY A 64 22.34 0.33 -21.81
CA GLY A 64 22.25 1.22 -22.95
C GLY A 64 22.74 2.62 -22.67
N GLU A 65 22.81 3.00 -21.41
CA GLU A 65 23.34 4.28 -20.98
C GLU A 65 24.85 4.22 -20.66
N GLY A 66 25.49 3.08 -20.91
CA GLY A 66 26.93 2.98 -20.79
C GLY A 66 27.47 2.54 -19.43
N TYR A 67 26.65 1.90 -18.58
CA TYR A 67 27.06 1.49 -17.25
C TYR A 67 27.51 0.03 -17.23
N ARG A 68 28.51 -0.25 -16.39
CA ARG A 68 28.87 -1.64 -16.11
C ARG A 68 27.85 -2.19 -15.11
N VAL A 69 27.13 -3.24 -15.49
CA VAL A 69 26.02 -3.76 -14.69
C VAL A 69 26.26 -5.23 -14.42
N ARG A 70 26.34 -5.59 -13.15
CA ARG A 70 26.38 -6.99 -12.73
C ARG A 70 24.98 -7.40 -12.30
N TYR A 71 24.42 -8.41 -12.97
CA TYR A 71 23.06 -8.85 -12.67
C TYR A 71 23.03 -10.31 -12.25
N THR A 72 22.32 -10.58 -11.17
CA THR A 72 22.20 -11.93 -10.62
C THR A 72 20.74 -12.32 -10.66
N ARG A 73 20.43 -13.37 -11.41
CA ARG A 73 19.06 -13.83 -11.54
C ARG A 73 18.71 -14.85 -10.45
N ILE A 74 17.44 -14.82 -10.04
CA ILE A 74 16.87 -15.68 -8.99
C ILE A 74 17.26 -17.15 -9.19
N ASP A 75 17.52 -17.56 -10.43
CA ASP A 75 17.80 -18.95 -10.77
C ASP A 75 19.22 -19.18 -11.26
N ASP A 76 20.06 -18.14 -11.29
CA ASP A 76 21.46 -18.29 -11.68
C ASP A 76 22.18 -19.32 -10.80
N ALA A 77 23.22 -19.91 -11.39
CA ALA A 77 23.89 -21.05 -10.79
C ALA A 77 24.42 -20.75 -9.40
N ASP A 78 25.27 -19.74 -9.28
CA ASP A 78 25.99 -19.49 -8.04
C ASP A 78 25.31 -18.45 -7.17
N ASN A 79 24.02 -18.18 -7.38
CA ASN A 79 23.31 -17.15 -6.63
C ASN A 79 23.46 -17.39 -5.12
N ALA A 80 23.87 -16.36 -4.41
CA ALA A 80 24.18 -16.52 -2.99
C ALA A 80 22.96 -16.47 -2.08
N GLY A 81 21.83 -15.90 -2.54
CA GLY A 81 20.57 -16.00 -1.83
C GLY A 81 20.15 -14.75 -1.09
N SER A 82 21.07 -13.81 -0.85
CA SER A 82 20.80 -12.69 0.04
C SER A 82 21.62 -11.50 -0.42
N PHE A 83 21.22 -10.32 0.01
CA PHE A 83 22.00 -9.14 -0.35
C PHE A 83 23.44 -9.29 0.13
N THR A 84 23.62 -9.61 1.42
CA THR A 84 24.95 -9.83 1.98
C THR A 84 25.73 -10.84 1.16
N GLY A 85 25.10 -11.97 0.85
CA GLY A 85 25.80 -13.00 0.10
C GLY A 85 26.20 -12.52 -1.28
N GLU A 86 25.28 -11.87 -1.99
CA GLU A 86 25.58 -11.46 -3.36
C GLU A 86 26.60 -10.33 -3.38
N VAL A 87 26.56 -9.43 -2.39
CA VAL A 87 27.60 -8.40 -2.32
C VAL A 87 28.97 -9.03 -2.00
N LYS A 88 28.98 -10.12 -1.23
CA LYS A 88 30.22 -10.81 -0.94
C LYS A 88 30.84 -11.34 -2.22
N ARG A 89 30.04 -12.06 -3.01
CA ARG A 89 30.53 -12.62 -4.27
C ARG A 89 31.08 -11.54 -5.19
N ALA A 90 30.50 -10.33 -5.17
CA ALA A 90 31.03 -9.27 -6.01
C ALA A 90 32.33 -8.72 -5.47
N ILE A 91 32.55 -8.77 -4.16
CA ILE A 91 33.74 -8.15 -3.57
C ILE A 91 34.99 -8.93 -3.93
N ASP A 92 34.98 -10.27 -3.79
CA ASP A 92 36.13 -11.05 -4.27
C ASP A 92 36.27 -10.91 -5.78
N ASP A 93 35.14 -10.72 -6.47
CA ASP A 93 35.14 -10.59 -7.92
C ASP A 93 35.75 -9.27 -8.35
N LEU A 94 35.18 -8.16 -7.89
CA LEU A 94 35.53 -6.84 -8.39
C LEU A 94 36.48 -6.08 -7.48
N THR A 95 36.76 -6.59 -6.27
CA THR A 95 37.56 -5.97 -5.20
C THR A 95 37.47 -4.45 -5.20
N PRO A 96 36.31 -3.89 -4.82
CA PRO A 96 36.17 -2.43 -4.78
C PRO A 96 36.77 -1.85 -3.51
N SER A 97 36.89 -0.52 -3.51
CA SER A 97 37.38 0.17 -2.33
C SER A 97 36.26 0.93 -1.63
N ARG A 98 35.01 0.67 -2.03
CA ARG A 98 33.85 1.35 -1.45
C ARG A 98 32.54 0.79 -1.99
N ILE A 99 31.57 0.57 -1.12
CA ILE A 99 30.22 0.17 -1.49
C ILE A 99 29.33 1.39 -1.34
N CYS A 100 28.48 1.64 -2.34
CA CYS A 100 27.55 2.75 -2.32
C CYS A 100 26.12 2.22 -2.43
N VAL A 101 25.22 2.69 -1.56
CA VAL A 101 23.83 2.26 -1.64
C VAL A 101 22.92 3.34 -1.07
N THR A 102 21.79 3.57 -1.74
CA THR A 102 20.70 4.38 -1.18
C THR A 102 20.03 3.60 -0.03
N GLU A 103 19.48 4.35 0.94
CA GLU A 103 18.87 3.75 2.11
C GLU A 103 17.64 2.92 1.73
N PRO A 104 17.42 1.78 2.39
CA PRO A 104 16.29 0.92 2.02
C PRO A 104 14.98 1.47 2.57
N GLY A 105 13.89 0.79 2.21
CA GLY A 105 12.56 1.13 2.64
C GLY A 105 11.92 0.23 3.67
N GLU A 106 12.66 -0.71 4.26
CA GLU A 106 12.14 -1.51 5.35
C GLU A 106 13.20 -1.67 6.41
N TRP A 107 12.72 -1.85 7.65
CA TRP A 107 13.56 -1.99 8.85
C TRP A 107 14.50 -3.17 8.76
N ARG A 108 13.93 -4.33 8.45
CA ARG A 108 14.68 -5.56 8.23
C ARG A 108 15.88 -5.36 7.29
N VAL A 109 15.66 -4.65 6.16
CA VAL A 109 16.71 -4.48 5.18
C VAL A 109 17.78 -3.50 5.68
N ARG A 110 17.36 -2.41 6.30
CA ARG A 110 18.31 -1.55 7.01
C ARG A 110 19.18 -2.35 7.99
N SER A 111 18.58 -3.27 8.74
CA SER A 111 19.37 -4.13 9.62
C SER A 111 20.51 -4.82 8.88
N GLU A 112 20.22 -5.39 7.71
CA GLU A 112 21.26 -6.12 7.00
C GLU A 112 22.28 -5.15 6.41
N MET A 113 21.81 -4.05 5.83
CA MET A 113 22.70 -3.01 5.29
C MET A 113 23.65 -2.47 6.36
N ASP A 114 23.18 -2.36 7.59
CA ASP A 114 24.03 -1.85 8.65
C ASP A 114 25.12 -2.83 9.04
N GLY A 115 24.93 -4.11 8.73
CA GLY A 115 25.96 -5.08 9.01
C GLY A 115 27.04 -5.19 7.96
N PHE A 116 26.94 -4.43 6.85
CA PHE A 116 27.91 -4.56 5.76
C PHE A 116 29.33 -4.23 6.21
N ALA A 117 29.53 -3.01 6.74
CA ALA A 117 30.89 -2.54 7.01
C ALA A 117 31.62 -3.48 7.95
N GLY A 118 30.97 -3.88 9.05
CA GLY A 118 31.60 -4.76 9.99
C GLY A 118 31.96 -6.09 9.36
N ALA A 119 31.15 -6.56 8.42
CA ALA A 119 31.29 -7.88 7.85
C ALA A 119 32.27 -7.95 6.69
N PHE A 120 32.59 -6.82 6.06
CA PHE A 120 33.45 -6.80 4.90
C PHE A 120 34.69 -5.95 5.07
N GLY A 121 34.76 -5.13 6.10
CA GLY A 121 35.98 -4.36 6.29
C GLY A 121 36.23 -3.44 5.12
N ILE A 122 35.18 -2.84 4.60
CA ILE A 122 35.31 -1.86 3.53
C ILE A 122 34.29 -0.77 3.80
N GLN A 123 34.66 0.45 3.43
CA GLN A 123 33.79 1.60 3.58
C GLN A 123 32.45 1.37 2.90
N VAL A 124 31.36 1.51 3.67
CA VAL A 124 30.00 1.47 3.16
C VAL A 124 29.37 2.86 3.28
N ASP A 125 29.04 3.48 2.14
CA ASP A 125 28.39 4.79 2.11
C ASP A 125 26.89 4.62 1.86
N ILE A 126 26.10 4.72 2.93
CA ILE A 126 24.64 4.58 2.86
C ILE A 126 24.03 5.97 2.65
N ARG A 127 23.42 6.18 1.49
CA ARG A 127 22.95 7.51 1.12
C ARG A 127 21.46 7.64 1.38
N SER A 128 21.08 8.86 1.72
CA SER A 128 19.70 9.20 1.98
C SER A 128 18.96 9.29 0.65
N ASP A 129 17.67 9.01 0.66
CA ASP A 129 16.88 8.82 -0.55
C ASP A 129 16.16 10.11 -0.91
N ARG A 130 16.69 10.84 -1.91
CA ARG A 130 16.14 12.14 -2.31
C ARG A 130 14.73 12.04 -2.98
N ARG A 131 14.15 10.85 -3.09
CA ARG A 131 12.81 10.76 -3.65
C ARG A 131 11.76 11.26 -2.68
N PHE A 132 12.14 11.43 -1.42
CA PHE A 132 11.24 11.77 -0.34
C PHE A 132 11.49 13.21 0.09
N LEU A 133 10.41 13.94 0.37
CA LEU A 133 10.55 15.35 0.64
C LEU A 133 11.05 15.59 2.06
N SER A 134 10.82 14.66 2.96
CA SER A 134 11.30 14.80 4.32
C SER A 134 12.42 13.80 4.55
N SER A 135 13.52 14.27 5.11
CA SER A 135 14.46 13.35 5.72
C SER A 135 13.92 12.87 7.06
N HIS A 136 14.52 11.78 7.55
CA HIS A 136 14.19 11.30 8.89
C HIS A 136 14.39 12.41 9.91
N GLY A 137 15.41 13.23 9.69
CA GLY A 137 15.76 14.26 10.65
C GLY A 137 14.76 15.39 10.69
N GLU A 138 14.31 15.85 9.51
CA GLU A 138 13.29 16.87 9.46
C GLU A 138 11.99 16.40 10.11
N PHE A 139 11.58 15.16 9.81
CA PHE A 139 10.29 14.66 10.28
C PHE A 139 10.29 14.45 11.78
N ARG A 140 11.36 13.83 12.30
CA ARG A 140 11.53 13.72 13.75
C ARG A 140 11.40 15.09 14.42
N ASN A 141 12.10 16.09 13.88
CA ASN A 141 12.03 17.40 14.51
C ASN A 141 10.69 18.08 14.32
N TRP A 142 10.01 17.84 13.19
CA TRP A 142 8.66 18.36 13.08
C TRP A 142 7.74 17.70 14.09
N ALA A 143 7.89 16.40 14.30
CA ALA A 143 7.05 15.70 15.25
C ALA A 143 7.32 16.16 16.67
N ALA A 144 8.57 16.53 16.97
CA ALA A 144 8.90 17.01 18.30
C ALA A 144 8.47 18.46 18.42
N GLY A 145 7.83 18.79 19.53
CA GLY A 145 7.23 20.12 19.60
C GLY A 145 5.88 20.14 18.92
N ARG A 146 5.12 19.05 19.14
CA ARG A 146 3.68 18.97 18.90
C ARG A 146 3.20 17.58 19.32
N LYS A 147 2.79 17.44 20.55
CA LYS A 147 2.54 16.07 21.02
C LYS A 147 1.32 15.38 20.33
N SER A 148 0.72 16.00 19.31
CA SER A 148 -0.38 15.42 18.57
C SER A 148 -0.05 15.51 17.08
N LEU A 149 -0.09 14.37 16.40
CA LEU A 149 0.31 14.27 14.99
C LEU A 149 -0.93 14.13 14.14
N THR A 150 -1.11 15.07 13.21
CA THR A 150 -2.15 14.95 12.20
C THR A 150 -1.54 15.15 10.83
N MET A 151 -2.06 14.38 9.86
CA MET A 151 -1.63 14.55 8.48
C MET A 151 -1.86 15.99 8.00
N GLU A 152 -2.99 16.60 8.37
CA GLU A 152 -3.36 17.90 7.84
C GLU A 152 -2.29 18.94 8.12
N TYR A 153 -1.78 18.98 9.35
CA TYR A 153 -0.73 19.94 9.66
C TYR A 153 0.57 19.60 8.96
N PHE A 154 0.82 18.31 8.73
CA PHE A 154 2.01 17.95 7.98
C PHE A 154 1.85 18.34 6.52
N TYR A 155 0.68 18.04 5.94
CA TYR A 155 0.41 18.29 4.54
C TYR A 155 0.53 19.78 4.21
N ARG A 156 -0.02 20.64 5.07
CA ARG A 156 0.25 22.08 5.03
C ARG A 156 1.71 22.39 4.78
N GLU A 157 2.61 21.75 5.52
CA GLU A 157 4.03 22.04 5.35
C GLU A 157 4.51 21.61 3.99
N MET A 158 4.03 20.48 3.50
CA MET A 158 4.54 19.96 2.23
C MET A 158 4.11 20.84 1.05
N ARG A 159 2.88 21.39 1.11
CA ARG A 159 2.41 22.34 0.10
C ARG A 159 3.29 23.58 0.06
N ARG A 160 3.57 24.15 1.24
CA ARG A 160 4.53 25.25 1.32
C ARG A 160 5.87 24.84 0.73
N LYS A 161 6.38 23.68 1.13
CA LYS A 161 7.73 23.33 0.72
C LYS A 161 7.83 23.08 -0.77
N THR A 162 6.84 22.46 -1.37
CA THR A 162 6.90 22.14 -2.79
C THR A 162 6.39 23.25 -3.69
N GLY A 163 5.67 24.23 -3.13
CA GLY A 163 5.02 25.24 -3.95
C GLY A 163 3.91 24.73 -4.85
N LEU A 164 3.59 23.44 -4.76
CA LEU A 164 2.45 22.86 -5.49
C LEU A 164 1.14 23.50 -5.06
N LEU A 165 0.33 23.85 -6.06
CA LEU A 165 -0.97 24.51 -5.87
C LEU A 165 -0.87 25.66 -4.88
N MET A 166 0.12 26.52 -5.07
CA MET A 166 0.36 27.63 -4.16
C MET A 166 0.42 28.94 -4.93
N ASN A 167 -0.26 29.95 -4.40
CA ASN A 167 -0.19 31.30 -4.95
C ASN A 167 0.87 32.09 -4.17
N GLY A 168 2.12 31.71 -4.39
CA GLY A 168 3.18 32.16 -3.50
C GLY A 168 2.95 31.67 -2.08
N GLU A 169 2.15 32.42 -1.31
CA GLU A 169 2.03 32.25 0.14
C GLU A 169 0.70 31.65 0.59
N GLN A 170 -0.34 31.73 -0.22
CA GLN A 170 -1.62 31.17 0.15
C GLN A 170 -1.94 29.99 -0.77
N PRO A 171 -2.75 29.04 -0.31
CA PRO A 171 -3.14 27.94 -1.21
C PRO A 171 -4.09 28.43 -2.29
N VAL A 172 -3.99 27.83 -3.48
CA VAL A 172 -4.89 28.16 -4.55
C VAL A 172 -6.33 28.02 -4.07
N GLY A 173 -7.19 28.93 -4.50
CA GLY A 173 -8.58 28.83 -4.12
C GLY A 173 -8.86 29.05 -2.65
N GLY A 174 -7.88 29.50 -1.87
CA GLY A 174 -8.14 29.94 -0.50
C GLY A 174 -8.58 28.87 0.45
N ARG A 175 -8.15 27.63 0.25
CA ARG A 175 -8.42 26.52 1.15
C ARG A 175 -7.33 25.50 0.89
N TRP A 176 -6.67 25.02 1.96
CA TRP A 176 -5.71 23.93 1.77
C TRP A 176 -6.41 22.67 1.30
N ASN A 177 -7.66 22.51 1.74
CA ASN A 177 -8.44 21.32 1.58
C ASN A 177 -9.66 21.56 0.74
N PHE A 178 -9.99 20.60 -0.11
CA PHE A 178 -11.28 20.51 -0.75
C PHE A 178 -11.78 19.10 -0.47
N ASP A 179 -12.17 18.90 0.78
CA ASP A 179 -12.66 17.64 1.24
C ASP A 179 -14.13 17.76 1.61
N ALA A 180 -15.02 17.65 0.62
CA ALA A 180 -14.68 17.69 -0.80
C ALA A 180 -15.63 18.69 -1.51
N GLU A 181 -15.76 18.61 -2.84
CA GLU A 181 -16.74 19.46 -3.55
C GLU A 181 -18.04 18.83 -4.18
N ASN A 182 -18.52 17.64 -3.77
CA ASN A 182 -17.86 16.68 -2.88
C ASN A 182 -18.03 15.19 -3.25
N ARG A 183 -19.18 14.61 -2.91
CA ARG A 183 -19.34 13.16 -2.82
C ARG A 183 -20.26 12.58 -3.89
N GLN A 184 -21.38 11.98 -3.45
CA GLN A 184 -22.58 11.56 -4.17
C GLN A 184 -22.48 10.13 -4.70
N PRO A 185 -23.64 9.44 -4.85
CA PRO A 185 -23.64 8.00 -5.18
C PRO A 185 -22.88 7.60 -6.45
N ALA A 186 -22.75 6.30 -6.68
CA ALA A 186 -21.94 5.79 -7.78
C ALA A 186 -22.78 5.42 -8.98
N ARG A 187 -22.15 5.52 -10.15
CA ARG A 187 -22.75 5.32 -11.46
C ARG A 187 -21.86 4.35 -12.24
N PRO A 188 -22.44 3.32 -12.88
CA PRO A 188 -21.66 2.40 -13.71
C PRO A 188 -21.35 2.99 -15.09
N ASP A 189 -20.75 4.18 -15.09
CA ASP A 189 -20.39 4.92 -16.30
C ASP A 189 -19.72 4.01 -17.34
N LEU A 190 -20.49 3.58 -18.35
CA LEU A 190 -19.95 2.77 -19.43
C LEU A 190 -19.12 3.61 -20.41
N LEU A 191 -19.47 4.89 -20.58
CA LEU A 191 -18.68 5.82 -21.37
C LEU A 191 -17.43 6.25 -20.59
N ARG A 192 -16.64 5.25 -20.19
CA ARG A 192 -15.47 5.45 -19.34
C ARG A 192 -14.33 4.71 -20.00
N PRO A 193 -13.17 5.33 -20.16
CA PRO A 193 -12.08 4.67 -20.87
C PRO A 193 -11.50 3.54 -20.05
N LYS A 194 -10.94 2.56 -20.77
CA LYS A 194 -10.24 1.46 -20.13
C LYS A 194 -8.87 1.94 -19.67
N HIS A 195 -8.47 1.48 -18.50
CA HIS A 195 -7.12 1.76 -18.03
C HIS A 195 -6.11 1.01 -18.88
N PRO A 196 -4.95 1.58 -19.13
CA PRO A 196 -3.98 0.92 -20.01
C PRO A 196 -3.47 -0.41 -19.46
N VAL A 197 -3.12 -1.29 -20.38
CA VAL A 197 -2.50 -2.57 -20.10
C VAL A 197 -1.31 -2.70 -21.03
N PHE A 198 -0.28 -3.39 -20.58
CA PHE A 198 0.91 -3.57 -21.40
C PHE A 198 1.24 -5.05 -21.50
N ALA A 199 1.09 -5.58 -22.71
CA ALA A 199 1.25 -7.02 -22.91
C ALA A 199 2.68 -7.44 -22.60
N PRO A 200 2.90 -8.62 -22.05
CA PRO A 200 4.24 -9.01 -21.61
C PRO A 200 5.17 -9.23 -22.79
N ASP A 201 6.41 -8.74 -22.65
CA ASP A 201 7.41 -8.90 -23.69
C ASP A 201 8.29 -10.10 -23.39
N LYS A 202 9.35 -10.24 -24.20
CA LYS A 202 10.27 -11.37 -24.11
C LYS A 202 10.79 -11.54 -22.69
N ILE A 203 11.16 -10.42 -22.04
CA ILE A 203 11.69 -10.47 -20.68
C ILE A 203 10.58 -10.86 -19.69
N THR A 204 9.50 -10.10 -19.71
CA THR A 204 8.40 -10.35 -18.79
C THR A 204 7.82 -11.75 -18.98
N LYS A 205 7.82 -12.31 -20.19
CA LYS A 205 7.28 -13.66 -20.36
C LYS A 205 8.19 -14.69 -19.71
N GLU A 206 9.49 -14.51 -19.87
CA GLU A 206 10.47 -15.42 -19.29
C GLU A 206 10.48 -15.34 -17.76
N VAL A 207 10.11 -14.19 -17.21
CA VAL A 207 10.03 -14.05 -15.76
C VAL A 207 8.73 -14.64 -15.25
N ILE A 208 7.64 -14.48 -16.02
CA ILE A 208 6.37 -15.10 -15.67
C ILE A 208 6.53 -16.61 -15.59
N ASP A 209 7.29 -17.18 -16.52
CA ASP A 209 7.50 -18.62 -16.51
C ASP A 209 8.31 -19.07 -15.31
N THR A 210 9.36 -18.31 -14.99
CA THR A 210 10.22 -18.62 -13.87
C THR A 210 9.50 -18.50 -12.53
N VAL A 211 8.67 -17.46 -12.38
CA VAL A 211 7.92 -17.29 -11.13
C VAL A 211 6.95 -18.45 -10.89
N GLU A 212 6.23 -18.87 -11.94
CA GLU A 212 5.33 -20.02 -11.82
C GLU A 212 6.09 -21.29 -11.46
N ARG A 213 7.34 -21.41 -11.89
CA ARG A 213 8.14 -22.60 -11.62
C ARG A 213 8.74 -22.62 -10.21
N LEU A 214 9.02 -21.45 -9.62
CA LEU A 214 9.70 -21.41 -8.33
C LEU A 214 8.81 -21.03 -7.16
N PHE A 215 7.68 -20.40 -7.42
CA PHE A 215 6.78 -19.98 -6.35
C PHE A 215 5.39 -20.53 -6.60
N PRO A 216 5.29 -21.84 -6.83
CA PRO A 216 4.02 -22.40 -7.32
C PRO A 216 2.89 -22.34 -6.32
N ASP A 217 3.18 -22.34 -5.01
CA ASP A 217 2.14 -22.35 -4.01
C ASP A 217 1.86 -20.96 -3.45
N ASN A 218 2.32 -19.92 -4.13
CA ASN A 218 2.16 -18.54 -3.68
C ASN A 218 0.78 -18.00 -4.07
N PHE A 219 0.34 -17.02 -3.27
CA PHE A 219 -0.91 -16.32 -3.52
C PHE A 219 -0.95 -15.71 -4.92
N GLY A 220 -2.07 -15.91 -5.61
CA GLY A 220 -2.40 -15.09 -6.76
C GLY A 220 -2.24 -15.83 -8.09
N LYS A 221 -2.99 -15.35 -9.07
CA LYS A 221 -2.92 -15.86 -10.44
C LYS A 221 -1.98 -14.96 -11.23
N LEU A 222 -1.20 -15.59 -12.11
CA LEU A 222 -0.36 -14.81 -13.00
C LEU A 222 -1.06 -14.39 -14.27
N GLU A 223 -2.21 -14.98 -14.58
CA GLU A 223 -2.89 -14.71 -15.85
C GLU A 223 -3.17 -13.22 -16.01
N ASN A 224 -3.07 -12.74 -17.26
CA ASN A 224 -3.43 -11.37 -17.62
C ASN A 224 -2.50 -10.36 -16.97
N PHE A 225 -1.20 -10.65 -17.03
CA PHE A 225 -0.20 -9.69 -16.59
C PHE A 225 -0.22 -8.44 -17.44
N GLY A 226 -0.51 -7.31 -16.84
CA GLY A 226 -0.64 -6.11 -17.64
C GLY A 226 0.23 -4.95 -17.19
N PHE A 227 1.03 -5.14 -16.14
CA PHE A 227 1.81 -4.04 -15.58
C PHE A 227 2.84 -3.49 -16.57
N ALA A 228 3.06 -2.18 -16.49
CA ALA A 228 4.19 -1.58 -17.21
C ALA A 228 5.47 -1.90 -16.47
N VAL A 229 6.49 -2.33 -17.21
CA VAL A 229 7.76 -2.75 -16.62
C VAL A 229 8.92 -1.89 -17.08
N THR A 230 8.64 -0.87 -17.86
CA THR A 230 9.63 0.03 -18.41
C THR A 230 9.29 1.44 -17.99
N ARG A 231 10.28 2.35 -18.03
CA ARG A 231 10.01 3.72 -17.61
C ARG A 231 9.06 4.41 -18.58
N THR A 232 9.25 4.18 -19.88
CA THR A 232 8.38 4.77 -20.89
C THR A 232 6.93 4.34 -20.70
N ASP A 233 6.70 3.05 -20.43
CA ASP A 233 5.32 2.59 -20.27
C ASP A 233 4.69 3.16 -19.00
N ALA A 234 5.49 3.40 -17.97
CA ALA A 234 4.93 4.00 -16.77
C ALA A 234 4.53 5.45 -17.03
N GLU A 235 5.39 6.21 -17.70
CA GLU A 235 4.97 7.55 -18.07
C GLU A 235 3.77 7.59 -19.00
N ARG A 236 3.45 6.48 -19.69
CA ARG A 236 2.21 6.43 -20.48
C ARG A 236 1.01 6.12 -19.61
N ALA A 237 1.17 5.21 -18.64
CA ALA A 237 0.18 5.05 -17.59
C ALA A 237 -0.11 6.37 -16.90
N LEU A 238 0.93 7.21 -16.68
CA LEU A 238 0.73 8.52 -16.04
C LEU A 238 -0.12 9.43 -16.89
N SER A 239 0.23 9.58 -18.18
CA SER A 239 -0.48 10.56 -19.00
C SER A 239 -1.89 10.10 -19.32
N ALA A 240 -2.12 8.79 -19.47
CA ALA A 240 -3.47 8.30 -19.67
C ALA A 240 -4.39 8.64 -18.49
N PHE A 241 -3.85 8.62 -17.26
CA PHE A 241 -4.65 8.98 -16.09
C PHE A 241 -5.00 10.45 -16.08
N ILE A 242 -4.02 11.32 -16.35
CA ILE A 242 -4.31 12.73 -16.56
C ILE A 242 -5.38 12.92 -17.62
N ASP A 243 -5.20 12.28 -18.77
CA ASP A 243 -6.06 12.55 -19.92
C ASP A 243 -7.47 12.05 -19.69
N ASP A 244 -7.63 10.91 -19.02
CA ASP A 244 -8.89 10.16 -19.05
C ASP A 244 -9.61 10.07 -17.72
N PHE A 245 -8.91 10.12 -16.58
CA PHE A 245 -9.57 9.84 -15.32
C PHE A 245 -9.44 10.96 -14.31
N LEU A 246 -8.38 11.77 -14.40
CA LEU A 246 -8.06 12.73 -13.35
C LEU A 246 -9.24 13.64 -13.04
N CYS A 247 -9.89 14.19 -14.07
CA CYS A 247 -10.94 15.18 -13.80
C CYS A 247 -12.12 14.61 -13.01
N ASN A 248 -12.25 13.29 -12.91
CA ASN A 248 -13.30 12.69 -12.09
C ASN A 248 -12.76 11.99 -10.85
N PHE A 249 -11.49 12.21 -10.51
CA PHE A 249 -10.88 11.51 -9.39
C PHE A 249 -11.65 11.77 -8.10
N GLY A 250 -11.87 13.03 -7.74
CA GLY A 250 -12.53 13.34 -6.49
C GLY A 250 -13.98 12.93 -6.47
N ALA A 251 -14.65 12.96 -7.63
CA ALA A 251 -16.07 12.62 -7.71
C ALA A 251 -16.34 11.18 -7.24
N THR A 252 -15.63 10.20 -7.78
CA THR A 252 -15.91 8.80 -7.53
C THR A 252 -14.99 8.17 -6.49
N GLN A 253 -14.38 8.97 -5.62
CA GLN A 253 -13.23 8.47 -4.86
C GLN A 253 -13.62 7.37 -3.87
N ASP A 254 -14.79 7.46 -3.24
CA ASP A 254 -15.17 6.50 -2.22
C ASP A 254 -16.12 5.43 -2.73
N ALA A 255 -16.30 5.32 -4.04
CA ALA A 255 -17.32 4.42 -4.58
C ALA A 255 -16.72 3.08 -4.95
N MET A 256 -17.54 2.04 -4.81
CA MET A 256 -17.20 0.69 -5.21
C MET A 256 -18.28 0.16 -6.15
N LEU A 257 -17.84 -0.49 -7.22
CA LEU A 257 -18.77 -1.10 -8.16
C LEU A 257 -18.34 -2.55 -8.34
N GLN A 258 -19.31 -3.46 -8.16
CA GLN A 258 -19.03 -4.88 -8.38
C GLN A 258 -18.37 -5.13 -9.72
N ASP A 259 -18.71 -4.35 -10.73
CA ASP A 259 -18.21 -4.56 -12.07
C ASP A 259 -17.09 -3.61 -12.48
N ASP A 260 -16.65 -2.71 -11.61
CA ASP A 260 -15.58 -1.76 -11.96
C ASP A 260 -14.46 -1.76 -10.93
N PRO A 261 -13.44 -2.60 -11.13
CA PRO A 261 -12.35 -2.69 -10.13
C PRO A 261 -11.48 -1.47 -10.07
N ASN A 262 -11.62 -0.56 -11.01
CA ASN A 262 -10.65 0.52 -11.20
C ASN A 262 -11.25 1.90 -11.09
N LEU A 263 -12.51 2.05 -11.49
CA LEU A 263 -13.16 3.35 -11.63
C LEU A 263 -12.17 4.39 -12.16
N ASN A 264 -11.89 5.40 -11.33
CA ASN A 264 -11.13 6.59 -11.75
C ASN A 264 -9.80 6.75 -11.03
N HIS A 265 -9.28 5.70 -10.38
CA HIS A 265 -8.00 5.80 -9.70
C HIS A 265 -6.86 5.73 -10.72
N SER A 266 -5.67 6.10 -10.27
CA SER A 266 -4.55 6.22 -11.20
C SER A 266 -3.86 4.89 -11.46
N LEU A 267 -3.88 3.97 -10.50
CA LEU A 267 -3.19 2.67 -10.66
C LEU A 267 -1.69 2.88 -10.89
N LEU A 268 -1.08 3.79 -10.12
CA LEU A 268 0.31 4.16 -10.30
C LEU A 268 1.20 3.77 -9.11
N SER A 269 0.62 3.50 -7.94
CA SER A 269 1.34 3.09 -6.74
C SER A 269 2.45 2.08 -7.02
N PHE A 270 2.18 1.05 -7.84
CA PHE A 270 3.23 0.12 -8.23
C PHE A 270 4.42 0.85 -8.83
N TYR A 271 4.17 1.84 -9.68
CA TYR A 271 5.31 2.41 -10.39
C TYR A 271 6.01 3.44 -9.54
N ILE A 272 5.23 4.30 -8.87
CA ILE A 272 5.79 5.31 -7.98
C ILE A 272 6.68 4.66 -6.93
N ASN A 273 6.27 3.49 -6.43
CA ASN A 273 6.95 2.91 -5.27
C ASN A 273 8.20 2.14 -5.62
N CYS A 274 8.52 1.92 -6.90
CA CYS A 274 9.77 1.26 -7.27
C CYS A 274 10.69 2.16 -8.08
N GLY A 275 10.27 3.40 -8.37
CA GLY A 275 11.10 4.39 -9.01
C GLY A 275 10.83 4.54 -10.49
N LEU A 276 9.89 3.76 -11.03
CA LEU A 276 9.59 3.92 -12.45
C LEU A 276 8.91 5.25 -12.72
N LEU A 277 8.07 5.69 -11.80
CA LEU A 277 7.53 7.04 -11.74
C LEU A 277 8.05 7.71 -10.47
N ASP A 278 8.21 9.03 -10.55
CA ASP A 278 8.63 9.85 -9.41
C ASP A 278 7.45 10.65 -8.89
N ALA A 279 7.28 10.64 -7.55
CA ALA A 279 6.09 11.21 -6.94
C ALA A 279 5.93 12.67 -7.28
N LEU A 280 7.02 13.43 -7.22
CA LEU A 280 6.90 14.86 -7.39
C LEU A 280 6.56 15.23 -8.83
N ASP A 281 7.00 14.40 -9.78
CA ASP A 281 6.63 14.62 -11.18
C ASP A 281 5.16 14.27 -11.43
N VAL A 282 4.68 13.17 -10.86
CA VAL A 282 3.25 12.85 -10.91
C VAL A 282 2.42 14.05 -10.46
N CYS A 283 2.82 14.69 -9.36
CA CYS A 283 2.07 15.82 -8.83
C CYS A 283 2.13 17.02 -9.76
N LYS A 284 3.29 17.27 -10.34
CA LYS A 284 3.41 18.40 -11.23
C LYS A 284 2.58 18.20 -12.49
N ALA A 285 2.41 16.96 -12.94
CA ALA A 285 1.59 16.75 -14.13
C ALA A 285 0.13 17.04 -13.83
N ALA A 286 -0.31 16.65 -12.63
CA ALA A 286 -1.67 16.96 -12.20
C ALA A 286 -1.88 18.47 -12.16
N GLU A 287 -0.92 19.18 -11.57
CA GLU A 287 -1.02 20.63 -11.45
C GLU A 287 -0.97 21.29 -12.81
N ARG A 288 -0.07 20.83 -13.68
CA ARG A 288 -0.02 21.34 -15.04
C ARG A 288 -1.36 21.16 -15.73
N ALA A 289 -2.04 20.04 -15.44
CA ALA A 289 -3.34 19.80 -16.02
C ALA A 289 -4.40 20.72 -15.43
N TYR A 290 -4.24 21.11 -14.17
CA TYR A 290 -5.23 22.00 -13.58
C TYR A 290 -5.16 23.38 -14.22
N HIS A 291 -3.95 23.88 -14.48
CA HIS A 291 -3.82 25.22 -15.03
C HIS A 291 -4.18 25.30 -16.51
N GLU A 292 -4.31 24.17 -17.19
CA GLU A 292 -4.77 24.11 -18.57
C GLU A 292 -6.27 23.84 -18.69
N GLY A 293 -7.00 23.92 -17.58
CA GLY A 293 -8.43 23.74 -17.55
C GLY A 293 -8.89 22.30 -17.46
N GLY A 294 -7.97 21.35 -17.39
CA GLY A 294 -8.25 19.95 -17.61
C GLY A 294 -8.90 19.20 -16.46
N ALA A 295 -8.90 19.75 -15.26
CA ALA A 295 -9.57 19.09 -14.16
C ALA A 295 -9.90 20.14 -13.11
N PRO A 296 -10.95 19.93 -12.33
CA PRO A 296 -11.32 20.92 -11.30
C PRO A 296 -10.33 20.90 -10.14
N LEU A 297 -10.40 21.98 -9.34
CA LEU A 297 -9.47 22.13 -8.21
C LEU A 297 -9.60 21.01 -7.20
N ASN A 298 -10.82 20.49 -7.01
CA ASN A 298 -10.99 19.49 -5.98
C ASN A 298 -10.46 18.13 -6.40
N ALA A 299 -10.44 17.82 -7.71
CA ALA A 299 -9.83 16.55 -8.12
C ALA A 299 -8.31 16.61 -8.03
N VAL A 300 -7.71 17.73 -8.45
CA VAL A 300 -6.26 17.82 -8.46
C VAL A 300 -5.70 17.92 -7.05
N GLU A 301 -6.21 18.85 -6.25
CA GLU A 301 -5.75 18.94 -4.87
C GLU A 301 -6.05 17.64 -4.11
N GLY A 302 -7.21 17.06 -4.31
CA GLY A 302 -7.45 15.75 -3.75
C GLY A 302 -6.43 14.72 -4.19
N PHE A 303 -5.93 14.85 -5.41
CA PHE A 303 -5.00 13.82 -5.89
C PHE A 303 -3.62 14.06 -5.32
N ILE A 304 -3.15 15.32 -5.40
CA ILE A 304 -1.87 15.70 -4.79
C ILE A 304 -1.88 15.43 -3.28
N ARG A 305 -3.04 15.59 -2.63
CA ARG A 305 -3.08 15.34 -1.19
C ARG A 305 -2.68 13.91 -0.86
N GLN A 306 -3.06 12.93 -1.69
CA GLN A 306 -2.72 11.54 -1.39
C GLN A 306 -1.22 11.30 -1.47
N ILE A 307 -0.52 12.02 -2.37
CA ILE A 307 0.89 11.77 -2.64
C ILE A 307 1.82 12.56 -1.73
N ILE A 308 1.76 13.90 -1.79
CA ILE A 308 2.64 14.69 -0.93
C ILE A 308 2.08 14.85 0.48
N GLY A 309 0.86 14.38 0.73
CA GLY A 309 0.29 14.34 2.07
C GLY A 309 0.43 12.98 2.74
N TRP A 310 -0.44 12.03 2.41
CA TRP A 310 -0.46 10.74 3.08
C TRP A 310 0.81 9.92 2.84
N ARG A 311 1.21 9.73 1.58
CA ARG A 311 2.33 8.83 1.27
C ARG A 311 3.61 9.29 1.93
N GLU A 312 3.86 10.61 1.89
CA GLU A 312 5.02 11.19 2.56
C GLU A 312 4.92 11.08 4.08
N TYR A 313 3.70 11.18 4.60
CA TYR A 313 3.46 11.11 6.04
C TYR A 313 3.59 9.68 6.55
N MET A 314 3.08 8.69 5.81
CA MET A 314 3.22 7.30 6.21
C MET A 314 4.70 6.93 6.34
N ARG A 315 5.50 7.30 5.33
CA ARG A 315 6.94 7.06 5.37
C ARG A 315 7.55 7.63 6.63
N GLY A 316 7.27 8.92 6.90
CA GLY A 316 7.70 9.52 8.15
C GLY A 316 7.28 8.74 9.40
N ILE A 317 6.02 8.29 9.44
CA ILE A 317 5.53 7.59 10.62
C ILE A 317 6.22 6.25 10.78
N TYR A 318 6.49 5.59 9.67
CA TYR A 318 7.17 4.29 9.72
C TYR A 318 8.51 4.40 10.45
N TRP A 319 9.35 5.37 10.08
CA TRP A 319 10.67 5.39 10.68
C TRP A 319 10.64 5.99 12.04
N LEU A 320 9.70 6.90 12.27
CA LEU A 320 9.62 7.54 13.57
C LEU A 320 9.24 6.52 14.65
N ALA A 321 8.36 5.57 14.32
CA ALA A 321 7.81 4.65 15.30
C ALA A 321 8.70 3.46 15.62
N GLY A 322 9.71 3.19 14.79
CA GLY A 322 10.63 2.10 15.08
C GLY A 322 10.14 0.71 14.73
N PRO A 323 11.04 -0.26 14.88
CA PRO A 323 10.75 -1.62 14.38
C PRO A 323 9.59 -2.32 15.09
N ASP A 324 9.30 -1.99 16.35
CA ASP A 324 8.31 -2.72 17.12
C ASP A 324 6.91 -2.13 17.02
N TYR A 325 6.73 -1.08 16.24
CA TYR A 325 5.42 -0.58 15.86
C TYR A 325 4.53 -1.70 15.35
N VAL A 326 5.12 -2.71 14.71
CA VAL A 326 4.39 -3.89 14.24
C VAL A 326 3.81 -4.72 15.40
N ASP A 327 4.30 -4.55 16.62
CA ASP A 327 3.73 -5.25 17.76
C ASP A 327 2.51 -4.57 18.35
N SER A 328 2.10 -3.42 17.82
CA SER A 328 0.98 -2.65 18.38
C SER A 328 -0.30 -3.48 18.36
N ASN A 329 -0.95 -3.58 19.51
CA ASN A 329 -2.16 -4.39 19.66
C ASN A 329 -2.98 -3.79 20.79
N PHE A 330 -3.40 -2.54 20.56
CA PHE A 330 -4.24 -1.79 21.49
C PHE A 330 -5.44 -2.63 21.99
N PHE A 331 -6.16 -3.28 21.07
CA PHE A 331 -7.36 -4.06 21.43
C PHE A 331 -7.04 -5.47 21.91
N GLU A 332 -5.77 -5.87 21.98
CA GLU A 332 -5.37 -7.18 22.48
C GLU A 332 -6.07 -8.31 21.73
N ASN A 333 -6.02 -8.26 20.38
CA ASN A 333 -6.58 -9.33 19.55
C ASN A 333 -5.60 -10.51 19.39
N ASP A 334 -6.16 -11.73 19.33
CA ASP A 334 -5.36 -12.92 19.05
C ASP A 334 -5.96 -13.87 18.02
N ARG A 335 -7.05 -13.50 17.33
CA ARG A 335 -7.70 -14.39 16.37
C ARG A 335 -6.96 -14.44 15.05
N SER A 336 -6.87 -15.64 14.48
CA SER A 336 -6.17 -15.87 13.23
C SER A 336 -6.86 -15.14 12.08
N LEU A 337 -6.10 -14.91 11.01
CA LEU A 337 -6.67 -14.34 9.79
C LEU A 337 -7.57 -15.39 9.18
N PRO A 338 -8.85 -15.09 8.96
CA PRO A 338 -9.75 -16.12 8.42
C PRO A 338 -9.37 -16.64 7.05
N VAL A 339 -9.95 -17.81 6.76
CA VAL A 339 -9.50 -18.66 5.68
C VAL A 339 -9.79 -18.06 4.31
N PHE A 340 -10.92 -17.37 4.16
CA PHE A 340 -11.34 -16.92 2.83
C PHE A 340 -10.52 -15.73 2.34
N TYR A 341 -9.78 -15.06 3.23
CA TYR A 341 -8.82 -14.08 2.76
C TYR A 341 -7.83 -14.70 1.78
N TRP A 342 -7.62 -16.00 1.86
CA TRP A 342 -6.73 -16.64 0.91
C TRP A 342 -7.48 -17.31 -0.23
N THR A 343 -8.77 -17.62 -0.05
CA THR A 343 -9.54 -18.36 -1.05
C THR A 343 -10.52 -17.51 -1.82
N GLY A 344 -10.98 -16.40 -1.24
CA GLY A 344 -12.09 -15.68 -1.79
C GLY A 344 -13.42 -16.36 -1.62
N LYS A 345 -13.44 -17.56 -1.02
CA LYS A 345 -14.65 -18.36 -0.93
C LYS A 345 -15.41 -17.98 0.33
N THR A 346 -16.36 -17.09 0.16
CA THR A 346 -17.26 -16.62 1.20
C THR A 346 -18.57 -16.21 0.53
N HIS A 347 -19.62 -16.07 1.34
CA HIS A 347 -20.91 -15.60 0.85
C HIS A 347 -21.13 -14.12 1.08
N MET A 348 -20.22 -13.45 1.76
CA MET A 348 -20.21 -11.99 1.82
C MET A 348 -19.76 -11.48 0.47
N ASN A 349 -20.73 -11.04 -0.35
CA ASN A 349 -20.44 -10.68 -1.72
C ASN A 349 -19.34 -9.63 -1.83
N CYS A 350 -19.33 -8.65 -0.94
CA CYS A 350 -18.30 -7.61 -0.98
C CYS A 350 -16.94 -8.19 -0.65
N MET A 351 -16.87 -9.09 0.32
CA MET A 351 -15.60 -9.71 0.62
C MET A 351 -15.14 -10.58 -0.53
N ALA A 352 -16.08 -11.27 -1.17
CA ALA A 352 -15.70 -12.16 -2.27
C ALA A 352 -15.18 -11.39 -3.46
N LYS A 353 -15.80 -10.25 -3.78
CA LYS A 353 -15.35 -9.47 -4.94
C LYS A 353 -13.96 -8.88 -4.70
N VAL A 354 -13.76 -8.23 -3.56
CA VAL A 354 -12.49 -7.56 -3.32
C VAL A 354 -11.37 -8.59 -3.17
N ILE A 355 -11.64 -9.73 -2.54
CA ILE A 355 -10.57 -10.73 -2.37
C ILE A 355 -10.28 -11.41 -3.69
N THR A 356 -11.31 -11.71 -4.49
CA THR A 356 -11.12 -12.23 -5.85
C THR A 356 -10.32 -11.25 -6.71
N GLU A 357 -10.67 -9.96 -6.66
CA GLU A 357 -9.87 -8.96 -7.39
C GLU A 357 -8.42 -9.02 -6.97
N THR A 358 -8.17 -9.07 -5.67
CA THR A 358 -6.81 -9.18 -5.13
C THR A 358 -6.10 -10.41 -5.67
N ILE A 359 -6.75 -11.57 -5.56
CA ILE A 359 -6.23 -12.80 -6.14
C ILE A 359 -5.75 -12.57 -7.58
N GLU A 360 -6.59 -11.94 -8.39
CA GLU A 360 -6.38 -11.95 -9.83
C GLU A 360 -5.56 -10.80 -10.32
N ASN A 361 -5.62 -9.64 -9.66
CA ASN A 361 -4.91 -8.47 -10.14
C ASN A 361 -3.89 -7.93 -9.17
N ALA A 362 -3.86 -8.43 -7.92
CA ALA A 362 -2.96 -7.93 -6.87
C ALA A 362 -3.16 -6.44 -6.68
N TYR A 363 -4.39 -5.99 -6.89
CA TYR A 363 -4.73 -4.58 -6.72
C TYR A 363 -6.12 -4.51 -6.13
N ALA A 364 -6.30 -3.58 -5.19
CA ALA A 364 -7.63 -3.08 -4.85
C ALA A 364 -7.46 -1.63 -4.40
N HIS A 365 -8.44 -0.79 -4.76
CA HIS A 365 -8.25 0.63 -4.50
C HIS A 365 -8.51 0.97 -3.04
N HIS A 366 -8.37 2.24 -2.68
CA HIS A 366 -8.17 2.57 -1.27
C HIS A 366 -9.33 2.11 -0.42
N ILE A 367 -10.54 2.60 -0.72
CA ILE A 367 -11.69 2.37 0.13
C ILE A 367 -11.98 0.89 0.26
N GLN A 368 -11.57 0.09 -0.76
CA GLN A 368 -11.71 -1.36 -0.67
C GLN A 368 -10.77 -1.93 0.39
N ARG A 369 -9.50 -1.55 0.34
CA ARG A 369 -8.59 -2.02 1.37
C ARG A 369 -9.04 -1.58 2.75
N LEU A 370 -9.68 -0.42 2.87
CA LEU A 370 -9.98 0.15 4.17
C LEU A 370 -11.32 -0.35 4.73
N MET A 371 -12.38 -0.33 3.91
CA MET A 371 -13.72 -0.55 4.40
C MET A 371 -14.29 -1.92 4.08
N ILE A 372 -13.63 -2.72 3.26
CA ILE A 372 -14.14 -4.06 3.05
C ILE A 372 -13.27 -5.01 3.85
N THR A 373 -12.11 -5.37 3.29
CA THR A 373 -11.23 -6.29 3.99
C THR A 373 -10.70 -5.70 5.29
N GLY A 374 -10.31 -4.42 5.29
CA GLY A 374 -9.75 -3.84 6.51
C GLY A 374 -10.78 -3.67 7.61
N ASN A 375 -11.99 -3.30 7.23
CA ASN A 375 -13.04 -3.10 8.21
C ASN A 375 -13.44 -4.43 8.85
N PHE A 376 -13.52 -5.48 8.05
CA PHE A 376 -13.94 -6.78 8.58
C PHE A 376 -12.93 -7.31 9.60
N ALA A 377 -11.64 -7.28 9.26
CA ALA A 377 -10.56 -7.66 10.17
C ALA A 377 -10.71 -7.01 11.54
N LEU A 378 -10.90 -5.69 11.53
CA LEU A 378 -11.06 -4.90 12.74
C LEU A 378 -12.24 -5.38 13.57
N LEU A 379 -13.43 -5.41 12.93
CA LEU A 379 -14.64 -5.81 13.65
C LEU A 379 -14.52 -7.24 14.15
N ALA A 380 -13.91 -8.13 13.36
CA ALA A 380 -13.74 -9.51 13.75
C ALA A 380 -12.66 -9.71 14.79
N GLY A 381 -11.86 -8.68 15.06
CA GLY A 381 -10.83 -8.75 16.07
C GLY A 381 -9.64 -9.62 15.69
N ILE A 382 -9.12 -9.41 14.49
CA ILE A 382 -8.00 -10.23 14.02
C ILE A 382 -6.70 -9.70 14.63
N ASP A 383 -5.80 -10.61 15.00
CA ASP A 383 -4.44 -10.23 15.36
C ASP A 383 -3.94 -9.25 14.30
N PRO A 384 -3.53 -8.05 14.68
CA PRO A 384 -3.06 -7.08 13.68
C PRO A 384 -1.83 -7.56 12.91
N LYS A 385 -0.98 -8.39 13.54
CA LYS A 385 0.17 -8.94 12.82
C LYS A 385 -0.29 -9.82 11.66
N ALA A 386 -1.36 -10.58 11.85
CA ALA A 386 -1.91 -11.42 10.80
C ALA A 386 -2.39 -10.58 9.62
N VAL A 387 -3.12 -9.50 9.92
CA VAL A 387 -3.61 -8.58 8.91
C VAL A 387 -2.46 -7.94 8.18
N HIS A 388 -1.42 -7.53 8.93
CA HIS A 388 -0.28 -6.87 8.34
C HIS A 388 0.41 -7.75 7.31
N ARG A 389 0.61 -9.01 7.65
CA ARG A 389 1.21 -9.95 6.69
C ARG A 389 0.38 -10.05 5.41
N TRP A 390 -0.94 -10.15 5.53
CA TRP A 390 -1.77 -10.30 4.34
C TRP A 390 -1.60 -9.12 3.40
N TYR A 391 -1.69 -7.88 3.94
CA TYR A 391 -1.61 -6.69 3.11
C TYR A 391 -0.24 -6.51 2.46
N LEU A 392 0.83 -6.81 3.20
CA LEU A 392 2.16 -6.80 2.63
C LEU A 392 2.34 -7.88 1.56
N GLU A 393 1.68 -9.04 1.69
CA GLU A 393 1.88 -10.10 0.70
C GLU A 393 1.06 -9.87 -0.58
N VAL A 394 -0.21 -9.42 -0.47
CA VAL A 394 -1.11 -9.66 -1.59
C VAL A 394 -1.07 -8.54 -2.64
N TYR A 395 -0.69 -7.33 -2.27
CA TYR A 395 -0.79 -6.21 -3.20
C TYR A 395 0.58 -5.88 -3.80
N ALA A 396 0.57 -5.58 -5.09
CA ALA A 396 1.83 -5.44 -5.81
C ALA A 396 2.48 -4.06 -5.61
N ASP A 397 1.90 -3.21 -4.76
CA ASP A 397 2.46 -1.91 -4.43
C ASP A 397 2.88 -1.83 -2.95
N ALA A 398 3.06 -2.98 -2.31
CA ALA A 398 3.25 -3.03 -0.87
C ALA A 398 4.73 -3.18 -0.50
N TYR A 399 5.22 -2.25 0.32
CA TYR A 399 6.45 -2.43 1.08
C TYR A 399 6.18 -1.93 2.48
N GLU A 400 6.94 -2.42 3.47
CA GLU A 400 6.53 -2.24 4.85
C GLU A 400 6.29 -0.78 5.20
N TRP A 401 7.12 0.11 4.67
CA TRP A 401 7.06 1.52 5.09
C TRP A 401 5.73 2.16 4.76
N VAL A 402 5.12 1.83 3.61
CA VAL A 402 3.81 2.38 3.24
C VAL A 402 2.67 1.47 3.64
N GLU A 403 2.92 0.18 3.84
CA GLU A 403 1.84 -0.73 4.20
C GLU A 403 1.56 -0.72 5.71
N LEU A 404 2.62 -0.85 6.52
CA LEU A 404 2.46 -1.01 7.97
C LEU A 404 1.66 0.11 8.63
N PRO A 405 1.93 1.41 8.41
CA PRO A 405 1.11 2.42 9.10
C PRO A 405 -0.29 2.53 8.53
N ASN A 406 -0.50 2.16 7.26
CA ASN A 406 -1.86 2.05 6.73
C ASN A 406 -2.64 0.96 7.45
N VAL A 407 -2.00 -0.19 7.69
CA VAL A 407 -2.69 -1.30 8.33
C VAL A 407 -2.83 -1.07 9.84
N ILE A 408 -1.73 -0.80 10.53
CA ILE A 408 -1.76 -0.69 11.98
C ILE A 408 -2.45 0.59 12.44
N GLY A 409 -2.09 1.71 11.85
CA GLY A 409 -2.63 2.96 12.32
C GLY A 409 -3.99 3.23 11.73
N MET A 410 -4.09 3.30 10.40
CA MET A 410 -5.33 3.77 9.76
C MET A 410 -6.45 2.73 9.86
N SER A 411 -6.20 1.49 9.43
CA SER A 411 -7.25 0.49 9.31
C SER A 411 -7.63 -0.16 10.66
N GLN A 412 -6.66 -0.76 11.33
CA GLN A 412 -6.95 -1.57 12.48
C GLN A 412 -6.95 -0.77 13.77
N PHE A 413 -6.45 0.48 13.74
CA PHE A 413 -6.42 1.34 14.94
C PHE A 413 -5.68 0.64 16.09
N ALA A 414 -4.74 -0.21 15.71
CA ALA A 414 -3.97 -1.03 16.60
C ALA A 414 -3.00 -0.22 17.48
N ASP A 415 -2.81 1.07 17.18
CA ASP A 415 -1.95 1.93 17.97
C ASP A 415 -2.76 2.96 18.77
N GLY A 416 -4.08 2.77 18.85
CA GLY A 416 -4.93 3.68 19.58
C GLY A 416 -4.98 5.09 19.05
N GLY A 417 -4.91 5.27 17.73
CA GLY A 417 -5.01 6.60 17.16
C GLY A 417 -3.73 7.41 17.14
N PHE A 418 -2.57 6.74 17.13
CA PHE A 418 -1.31 7.45 17.24
C PHE A 418 -1.06 8.36 16.04
N LEU A 419 -1.45 7.94 14.84
CA LEU A 419 -1.15 8.77 13.69
C LEU A 419 -2.28 9.72 13.34
N GLY A 420 -3.20 9.95 14.27
CA GLY A 420 -4.12 11.07 14.21
C GLY A 420 -5.47 10.74 13.63
N THR A 421 -5.65 9.56 13.08
CA THR A 421 -6.90 9.18 12.42
C THR A 421 -7.93 8.73 13.45
N LYS A 422 -9.18 8.85 13.06
CA LYS A 422 -10.32 8.29 13.76
C LYS A 422 -10.54 6.84 13.34
N PRO A 423 -11.35 6.07 14.08
CA PRO A 423 -11.50 4.64 13.77
C PRO A 423 -12.55 4.38 12.69
N TYR A 424 -12.19 3.57 11.70
CA TYR A 424 -13.06 3.33 10.53
C TYR A 424 -13.87 2.06 10.69
N ALA A 425 -14.55 1.90 11.81
CA ALA A 425 -15.53 0.82 11.92
C ALA A 425 -16.84 1.27 11.29
N ALA A 426 -17.43 0.43 10.43
CA ALA A 426 -18.74 0.70 9.83
C ALA A 426 -19.52 -0.59 9.63
N SER A 427 -20.83 -0.50 9.76
CA SER A 427 -21.72 -1.62 9.49
C SER A 427 -22.09 -1.68 8.01
N GLY A 428 -22.76 -2.76 7.62
CA GLY A 428 -23.19 -2.93 6.24
C GLY A 428 -24.06 -1.80 5.69
N ASN A 429 -24.53 -0.87 6.54
CA ASN A 429 -25.19 0.33 6.05
C ASN A 429 -24.28 1.13 5.15
N TYR A 430 -23.01 1.25 5.54
CA TYR A 430 -22.04 1.99 4.73
C TYR A 430 -21.88 1.35 3.37
N ILE A 431 -21.62 0.04 3.36
CA ILE A 431 -21.32 -0.69 2.12
C ILE A 431 -22.48 -0.61 1.15
N ASN A 432 -23.71 -0.60 1.67
CA ASN A 432 -24.87 -0.45 0.83
C ASN A 432 -24.94 0.94 0.21
N ARG A 433 -24.52 1.96 0.98
CA ARG A 433 -24.50 3.33 0.48
C ARG A 433 -23.45 3.54 -0.61
N MET A 434 -22.25 2.98 -0.43
CA MET A 434 -21.10 3.29 -1.25
C MET A 434 -20.79 2.20 -2.27
N SER A 435 -21.71 1.26 -2.50
CA SER A 435 -21.44 0.19 -3.43
C SER A 435 -22.75 -0.41 -3.90
N ASP A 436 -22.62 -1.30 -4.88
CA ASP A 436 -23.69 -2.14 -5.38
C ASP A 436 -23.42 -3.59 -5.03
N TYR A 437 -22.51 -3.82 -4.08
CA TYR A 437 -22.17 -5.18 -3.67
C TYR A 437 -23.37 -5.88 -3.05
N CYS A 438 -24.19 -5.17 -2.27
CA CYS A 438 -25.29 -5.78 -1.55
C CYS A 438 -26.40 -6.25 -2.48
N ASP A 439 -26.47 -5.72 -3.69
CA ASP A 439 -27.62 -5.99 -4.53
C ASP A 439 -27.71 -7.48 -4.86
N THR A 440 -26.58 -8.09 -5.18
CA THR A 440 -26.51 -9.51 -5.50
C THR A 440 -26.00 -10.34 -4.33
N CYS A 441 -25.95 -9.76 -3.14
CA CYS A 441 -25.55 -10.51 -1.98
C CYS A 441 -26.73 -11.26 -1.36
N ARG A 442 -26.42 -12.40 -0.75
CA ARG A 442 -27.45 -13.22 -0.12
C ARG A 442 -27.97 -12.60 1.17
N TYR A 443 -27.14 -11.84 1.85
CA TYR A 443 -27.63 -11.21 3.05
C TYR A 443 -28.34 -9.91 2.72
N ASP A 444 -29.07 -9.43 3.68
CA ASP A 444 -29.71 -8.13 3.67
C ASP A 444 -28.90 -7.19 4.53
N PRO A 445 -28.50 -6.02 4.03
CA PRO A 445 -27.82 -5.03 4.88
C PRO A 445 -28.73 -4.30 5.86
N LYS A 446 -30.05 -4.50 5.80
CA LYS A 446 -31.00 -3.92 6.75
C LYS A 446 -31.31 -4.81 7.95
N GLU A 447 -31.05 -6.11 7.85
CA GLU A 447 -31.26 -7.03 8.95
C GLU A 447 -30.02 -7.12 9.81
N ARG A 448 -30.23 -7.17 11.13
CA ARG A 448 -29.16 -7.39 12.11
C ARG A 448 -29.18 -8.79 12.68
N LEU A 449 -30.36 -9.32 12.99
CA LEU A 449 -30.55 -10.66 13.48
C LEU A 449 -31.25 -11.49 12.41
N GLY A 450 -31.13 -12.79 12.52
CA GLY A 450 -31.77 -13.67 11.56
C GLY A 450 -30.79 -14.24 10.56
N ASP A 451 -31.22 -15.34 9.91
CA ASP A 451 -30.32 -16.16 9.12
C ASP A 451 -29.67 -15.43 7.97
N ASN A 452 -30.20 -14.28 7.54
CA ASN A 452 -29.60 -13.58 6.41
C ASN A 452 -29.47 -12.10 6.69
N ALA A 453 -28.92 -11.77 7.85
CA ALA A 453 -28.38 -10.44 8.12
C ALA A 453 -26.93 -10.41 7.67
N CYS A 454 -26.46 -9.28 7.16
CA CYS A 454 -25.04 -9.24 6.85
C CYS A 454 -24.27 -9.24 8.15
N PRO A 455 -23.22 -10.06 8.27
CA PRO A 455 -22.50 -10.14 9.55
C PRO A 455 -21.82 -8.85 9.96
N PHE A 456 -21.65 -7.86 9.06
CA PHE A 456 -21.01 -6.61 9.44
C PHE A 456 -21.85 -5.88 10.48
N ASN A 457 -23.16 -6.05 10.43
CA ASN A 457 -24.06 -5.38 11.38
C ASN A 457 -23.83 -5.86 12.82
N ALA A 458 -23.99 -7.17 13.06
CA ALA A 458 -23.80 -7.68 14.42
C ALA A 458 -22.37 -7.48 14.87
N LEU A 459 -21.40 -7.79 13.99
CA LEU A 459 -19.99 -7.56 14.27
C LEU A 459 -19.72 -6.10 14.59
N TYR A 460 -20.39 -5.18 13.90
CA TYR A 460 -20.22 -3.77 14.22
C TYR A 460 -20.54 -3.49 15.68
N TRP A 461 -21.68 -3.98 16.16
CA TRP A 461 -22.09 -3.67 17.51
C TRP A 461 -21.33 -4.49 18.54
N ASP A 462 -20.97 -5.72 18.22
CA ASP A 462 -20.13 -6.49 19.13
C ASP A 462 -18.82 -5.77 19.35
N PHE A 463 -18.27 -5.20 18.27
CA PHE A 463 -16.97 -4.55 18.36
C PHE A 463 -17.04 -3.30 19.23
N LEU A 464 -18.10 -2.50 19.07
CA LEU A 464 -18.27 -1.38 19.98
C LEU A 464 -18.48 -1.84 21.41
N ALA A 465 -19.18 -2.98 21.61
CA ALA A 465 -19.58 -3.41 22.94
C ALA A 465 -18.41 -3.97 23.75
N ARG A 466 -17.60 -4.84 23.12
CA ARG A 466 -16.48 -5.41 23.87
C ARG A 466 -15.34 -4.42 24.10
N ASN A 467 -15.20 -3.40 23.25
CA ASN A 467 -14.14 -2.41 23.42
C ASN A 467 -14.67 -1.08 23.95
N ARG A 468 -15.84 -1.11 24.59
CA ARG A 468 -16.44 0.13 25.09
C ARG A 468 -15.47 0.89 25.99
N GLU A 469 -14.71 0.16 26.81
CA GLU A 469 -13.81 0.78 27.78
C GLU A 469 -12.68 1.55 27.09
N LYS A 470 -12.10 1.00 26.02
CA LYS A 470 -11.01 1.67 25.34
C LYS A 470 -11.48 2.79 24.44
N LEU A 471 -12.79 2.85 24.12
CA LEU A 471 -13.32 3.78 23.13
C LEU A 471 -14.38 4.75 23.64
N LYS A 472 -14.89 4.60 24.87
CA LYS A 472 -16.00 5.44 25.32
C LYS A 472 -15.68 6.93 25.21
N SER A 473 -14.43 7.32 25.41
CA SER A 473 -14.02 8.71 25.39
C SER A 473 -13.71 9.23 24.00
N ASN A 474 -14.23 8.59 22.95
CA ASN A 474 -13.90 8.94 21.57
C ASN A 474 -15.10 9.66 20.97
N HIS A 475 -14.95 10.97 20.74
CA HIS A 475 -16.04 11.87 20.37
C HIS A 475 -16.58 11.55 18.98
N ARG A 476 -16.14 10.44 18.44
CA ARG A 476 -16.53 10.01 17.12
C ARG A 476 -17.50 8.83 17.16
N LEU A 477 -17.27 7.90 18.09
CA LEU A 477 -18.15 6.80 18.41
C LEU A 477 -19.25 7.19 19.39
N ALA A 478 -19.24 8.45 19.85
CA ALA A 478 -20.16 8.86 20.90
C ALA A 478 -21.61 8.65 20.47
N GLN A 479 -21.92 9.00 19.23
CA GLN A 479 -23.29 8.79 18.75
C GLN A 479 -23.64 7.32 18.68
N PRO A 480 -22.83 6.43 18.09
CA PRO A 480 -23.16 4.99 18.16
C PRO A 480 -23.44 4.50 19.58
N TYR A 481 -22.60 4.87 20.54
CA TYR A 481 -22.82 4.43 21.92
C TYR A 481 -24.13 4.96 22.49
N ALA A 482 -24.51 6.18 22.12
CA ALA A 482 -25.84 6.65 22.45
C ALA A 482 -26.91 5.76 21.85
N THR A 483 -26.67 5.28 20.62
CA THR A 483 -27.61 4.38 19.96
C THR A 483 -27.66 3.01 20.63
N TRP A 484 -26.50 2.50 21.04
CA TRP A 484 -26.42 1.23 21.75
C TRP A 484 -27.24 1.25 23.04
N ALA A 485 -26.92 2.17 23.96
CA ALA A 485 -27.63 2.29 25.23
C ALA A 485 -29.14 2.42 25.06
N ARG A 486 -29.61 2.92 23.92
CA ARG A 486 -31.04 3.04 23.73
C ARG A 486 -31.72 1.71 23.37
N MET A 487 -30.96 0.69 23.03
CA MET A 487 -31.53 -0.61 22.67
C MET A 487 -31.95 -1.38 23.91
N SER A 488 -33.11 -2.05 23.83
CA SER A 488 -33.55 -2.88 24.95
C SER A 488 -32.50 -3.93 25.28
N GLU A 489 -32.57 -4.46 26.50
CA GLU A 489 -31.49 -5.29 27.00
C GLU A 489 -31.37 -6.59 26.22
N ASP A 490 -32.50 -7.27 25.99
CA ASP A 490 -32.49 -8.50 25.22
C ASP A 490 -32.08 -8.28 23.77
N VAL A 491 -32.26 -7.08 23.24
CA VAL A 491 -31.77 -6.81 21.89
C VAL A 491 -30.26 -6.75 21.87
N ARG A 492 -29.66 -6.04 22.83
CA ARG A 492 -28.20 -6.01 22.92
C ARG A 492 -27.65 -7.40 23.15
N HIS A 493 -28.37 -8.23 23.90
CA HIS A 493 -27.94 -9.61 24.10
C HIS A 493 -27.96 -10.36 22.78
N ASP A 494 -29.08 -10.27 22.05
CA ASP A 494 -29.21 -11.03 20.81
C ASP A 494 -28.14 -10.63 19.79
N LEU A 495 -27.84 -9.34 19.70
CA LEU A 495 -26.81 -8.92 18.75
C LEU A 495 -25.45 -9.50 19.09
N ARG A 496 -25.13 -9.56 20.38
CA ARG A 496 -23.80 -10.03 20.77
C ARG A 496 -23.71 -11.55 20.67
N ALA A 497 -24.80 -12.26 20.95
CA ALA A 497 -24.82 -13.69 20.66
C ALA A 497 -24.64 -13.97 19.16
N LYS A 498 -25.35 -13.22 18.31
CA LYS A 498 -25.22 -13.51 16.88
C LYS A 498 -23.83 -13.18 16.38
N ALA A 499 -23.20 -12.16 16.95
CA ALA A 499 -21.80 -11.89 16.68
C ALA A 499 -20.92 -13.07 17.03
N ALA A 500 -21.19 -13.71 18.19
CA ALA A 500 -20.40 -14.85 18.66
C ALA A 500 -20.57 -16.07 17.76
N ALA A 501 -21.82 -16.40 17.38
CA ALA A 501 -22.05 -17.47 16.42
C ALA A 501 -21.19 -17.32 15.16
N PHE A 502 -21.09 -16.10 14.59
CA PHE A 502 -20.26 -15.92 13.40
CA PHE A 502 -20.25 -15.90 13.40
C PHE A 502 -18.78 -16.03 13.76
N LEU A 503 -18.38 -15.42 14.88
CA LEU A 503 -16.99 -15.52 15.32
C LEU A 503 -16.59 -16.98 15.51
N ARG A 504 -17.49 -17.77 16.10
CA ARG A 504 -17.24 -19.21 16.24
C ARG A 504 -16.98 -19.85 14.88
N LYS A 505 -17.77 -19.48 13.88
CA LYS A 505 -17.63 -20.15 12.59
C LYS A 505 -16.27 -19.89 11.95
N LEU A 506 -15.65 -18.74 12.24
CA LEU A 506 -14.30 -18.48 11.71
C LEU A 506 -13.25 -19.25 12.50
N ASP A 507 -13.40 -19.32 13.81
CA ASP A 507 -12.43 -20.05 14.62
C ASP A 507 -12.49 -21.53 14.32
N ALA A 508 -13.68 -22.07 14.02
CA ALA A 508 -13.77 -23.48 13.70
C ALA A 508 -12.96 -23.80 12.47
N ALA A 509 -12.98 -22.89 11.48
CA ALA A 509 -12.25 -23.10 10.24
C ALA A 509 -10.74 -22.93 10.43
N ALA A 510 -10.33 -21.90 11.17
CA ALA A 510 -8.92 -21.68 11.47
C ALA A 510 -8.27 -22.89 12.13
N LEU A 511 -9.04 -23.75 12.79
CA LEU A 511 -8.47 -24.94 13.41
C LEU A 511 -8.13 -26.02 12.39
N GLU A 512 -8.93 -26.17 11.33
CA GLU A 512 -8.71 -27.25 10.38
C GLU A 512 -7.38 -27.13 9.63
N HIS A 513 -6.75 -25.97 9.64
CA HIS A 513 -5.46 -25.77 9.02
C HIS A 513 -4.39 -25.64 10.08
PA FAD B . -5.06 6.57 -6.21
O1A FAD B . -6.43 6.58 -5.58
O2A FAD B . -4.91 6.86 -7.68
O5B FAD B . -4.14 7.55 -5.33
C5B FAD B . -3.17 8.41 -5.91
C4B FAD B . -1.81 8.07 -5.34
O4B FAD B . -1.79 8.49 -3.98
C3B FAD B . -1.54 6.56 -5.25
O3B FAD B . -0.87 6.02 -6.38
C2B FAD B . -0.63 6.40 -4.08
O2B FAD B . 0.70 6.65 -4.48
C1B FAD B . -0.99 7.58 -3.22
N9A FAD B . -1.74 7.20 -2.02
C8A FAD B . -3.08 7.21 -1.93
N7A FAD B . -3.48 6.85 -0.68
C5A FAD B . -2.38 6.61 0.04
C6A FAD B . -2.11 6.20 1.43
N6A FAD B . -3.14 6.00 2.25
N1A FAD B . -0.82 6.02 1.83
C2A FAD B . 0.18 6.25 0.96
N3A FAD B . 0.02 6.64 -0.34
C4A FAD B . -1.22 6.83 -0.85
N1 FAD B . -0.52 2.03 -0.57
C2 FAD B . 0.61 1.51 -1.09
O2 FAD B . 1.26 2.18 -1.92
N3 FAD B . 1.07 0.30 -0.75
C4 FAD B . 0.43 -0.46 0.16
O4 FAD B . 0.84 -1.57 0.51
C4X FAD B . -0.81 0.04 0.79
N5 FAD B . -1.49 -0.72 1.70
C5X FAD B . -2.63 -0.26 2.24
C6 FAD B . -3.34 -1.01 3.17
C7 FAD B . -4.52 -0.50 3.72
C7M FAD B . -5.29 -1.29 4.72
C8 FAD B . -5.02 0.82 3.30
C8M FAD B . -6.29 1.40 3.87
C9 FAD B . -4.30 1.57 2.38
C9A FAD B . -3.13 1.09 1.82
N10 FAD B . -2.45 1.88 0.86
C10 FAD B . -1.26 1.36 0.33
C1' FAD B . -2.93 3.21 0.45
C2' FAD B . -3.87 3.19 -0.73
O2' FAD B . -4.97 2.27 -0.53
C3' FAD B . -3.09 2.86 -2.00
O3' FAD B . -2.09 3.87 -2.21
C4' FAD B . -3.93 2.85 -3.26
O4' FAD B . -4.81 1.73 -3.27
C5' FAD B . -3.04 2.81 -4.48
O5' FAD B . -3.95 2.82 -5.57
P FAD B . -3.86 3.94 -6.69
O1P FAD B . -2.46 4.06 -7.20
O2P FAD B . -4.96 3.55 -7.61
O3P FAD B . -4.26 5.22 -5.81
C7 DLZ C . 9.82 -7.10 -2.78
C7A DLZ C . 11.09 -7.54 -3.42
C5A DLZ C . 11.20 -8.86 -4.09
C6 DLZ C . 10.01 -9.79 -4.12
N5 DLZ C . 12.37 -9.24 -4.66
C4A DLZ C . 13.45 -8.41 -4.63
C4 DLZ C . 14.75 -8.80 -5.25
O4 DLZ C . 14.85 -9.90 -5.79
N3 DLZ C . 15.79 -7.96 -5.23
C2 DLZ C . 15.67 -6.75 -4.64
O2 DLZ C . 16.69 -6.02 -4.64
N1 DLZ C . 14.53 -6.32 -4.04
C8 DLZ C . 13.40 -7.08 -4.00
N8 DLZ C . 12.18 -6.67 -3.40
C1' DLZ C . 12.06 -5.38 -2.71
C2' DLZ C . 12.86 -5.59 -1.40
O2' DLZ C . 12.53 -6.82 -0.75
C3' DLZ C . 12.61 -4.56 -0.32
O3' DLZ C . 11.25 -4.67 0.12
C4' DLZ C . 13.03 -3.19 -0.81
O4' DLZ C . 14.45 -3.31 -0.96
C5' DLZ C . 12.63 -2.08 0.17
O5' DLZ C . 13.73 -1.22 0.54
FE1 SF4 D . -23.62 -5.83 1.52
FE2 SF4 D . -23.32 -6.87 4.25
FE3 SF4 D . -21.11 -7.40 2.15
FE4 SF4 D . -23.70 -8.74 1.71
S1 SF4 D . -22.37 -8.59 3.37
S2 SF4 D . -22.51 -7.37 0.57
S3 SF4 D . -24.79 -7.17 2.71
S4 SF4 D . -22.07 -5.69 2.96
#